data_5WNI
#
_entry.id   5WNI
#
_cell.length_a   71.569
_cell.length_b   110.199
_cell.length_c   145.324
_cell.angle_alpha   90.00
_cell.angle_beta   90.00
_cell.angle_gamma   90.00
#
_symmetry.space_group_name_H-M   'I 21 21 21'
#
loop_
_entity.id
_entity.type
_entity.pdbx_description
1 polymer 'Receptor-interacting serine/threonine-protein kinase 4'
2 non-polymer 'MAGNESIUM ION'
3 non-polymer 'CHLORIDE ION'
4 non-polymer "ADENOSINE-5'-TRIPHOSPHATE"
5 water water
#
_entity_poly.entity_id   1
_entity_poly.type   'polypeptide(L)'
_entity_poly.pdbx_seq_one_letter_code
;MEGEGRGRWALGLLRTFDAGEFAGWEKVGSGGFGQVYKVRHVHWKTWLAIKCSPSLHVDDRERMELLEEAKKMEMAKFRY
ILPVYGICQEPVGLVMEYMETGSLEKLLASEPLPWDLRFRIVHETAVGMNFLHCMSPPLLHLNLKPANILLDAHYHVKIS
DFGLAKCNGMSHSHDLSMDGLFGTIAYLPPERIREKSRLFDTKHDVYSFAIVIWGVLTQKKPFADEKNILHIMMKVVKGH
RPELPPICRPRPRACASLIGLMQRCWHADPQVRPTFQEITSETEDLCEKPDEEVKDLAHEPGEKSSLESKSEARPESSRL
KRASAPPFDNDCSLSELLSQLD
;
_entity_poly.pdbx_strand_id   A
#
# COMPACT_ATOMS: atom_id res chain seq x y z
N TRP A 9 14.55 18.65 -7.29
CA TRP A 9 14.04 18.25 -8.65
C TRP A 9 12.55 17.86 -8.68
N ALA A 10 12.03 17.35 -7.55
CA ALA A 10 10.66 16.81 -7.49
C ALA A 10 9.57 17.89 -7.47
N LEU A 11 9.74 18.89 -6.60
CA LEU A 11 8.84 20.07 -6.47
C LEU A 11 8.69 20.95 -7.74
N GLY A 12 9.60 20.78 -8.71
CA GLY A 12 9.58 21.52 -9.97
C GLY A 12 8.46 21.17 -10.93
N LEU A 13 8.34 19.90 -11.26
CA LEU A 13 7.31 19.46 -12.22
C LEU A 13 5.88 19.44 -11.69
N LEU A 14 5.69 19.48 -10.37
CA LEU A 14 4.35 19.52 -9.78
C LEU A 14 3.66 20.86 -10.04
N ARG A 15 2.33 20.85 -10.11
CA ARG A 15 1.53 22.04 -10.37
C ARG A 15 0.78 22.42 -9.11
N THR A 16 0.51 23.71 -8.95
CA THR A 16 -0.42 24.16 -7.93
C THR A 16 -1.76 24.24 -8.62
N PHE A 17 -2.75 23.57 -8.04
CA PHE A 17 -4.11 23.59 -8.55
C PHE A 17 -4.92 24.59 -7.74
N ASP A 18 -6.02 25.07 -8.32
CA ASP A 18 -6.99 25.91 -7.63
C ASP A 18 -8.35 25.23 -7.74
N ALA A 19 -9.14 25.28 -6.68
CA ALA A 19 -10.40 24.52 -6.62
C ALA A 19 -11.42 24.81 -7.72
N GLY A 20 -11.32 25.98 -8.35
CA GLY A 20 -12.17 26.33 -9.50
C GLY A 20 -11.92 25.45 -10.71
N GLU A 21 -10.69 24.94 -10.83
CA GLU A 21 -10.36 23.94 -11.86
C GLU A 21 -11.15 22.61 -11.75
N PHE A 22 -11.70 22.31 -10.57
CA PHE A 22 -12.36 21.03 -10.34
C PHE A 22 -13.87 21.17 -10.24
N ALA A 23 -14.56 20.08 -10.52
CA ALA A 23 -16.03 19.96 -10.39
C ALA A 23 -16.42 18.54 -10.00
N GLY A 24 -17.71 18.34 -9.79
CA GLY A 24 -18.27 17.03 -9.49
C GLY A 24 -17.68 16.30 -8.29
N TRP A 25 -17.27 17.05 -7.26
CA TRP A 25 -16.55 16.50 -6.09
C TRP A 25 -17.41 15.36 -5.53
N GLU A 26 -16.84 14.17 -5.43
CA GLU A 26 -17.60 12.96 -5.10
C GLU A 26 -16.71 12.14 -4.17
N LYS A 27 -17.20 11.89 -2.95
CA LYS A 27 -16.40 11.20 -1.92
C LYS A 27 -16.09 9.77 -2.35
N VAL A 28 -14.80 9.41 -2.28
CA VAL A 28 -14.36 8.02 -2.43
C VAL A 28 -13.55 7.53 -1.22
N GLY A 29 -13.06 8.44 -0.36
CA GLY A 29 -12.15 8.09 0.75
C GLY A 29 -12.70 7.26 1.91
N SER A 30 -11.87 7.13 2.94
CA SER A 30 -12.15 6.20 4.04
C SER A 30 -11.32 6.55 5.27
N GLN A 35 -9.78 12.58 3.88
CA GLN A 35 -10.90 12.44 2.96
C GLN A 35 -10.50 12.64 1.48
N VAL A 36 -10.90 11.68 0.65
CA VAL A 36 -10.50 11.60 -0.76
C VAL A 36 -11.69 11.80 -1.69
N TYR A 37 -11.47 12.61 -2.73
CA TYR A 37 -12.53 12.89 -3.69
C TYR A 37 -12.08 12.57 -5.11
N LYS A 38 -13.03 12.06 -5.87
CA LYS A 38 -12.94 12.01 -7.33
C LYS A 38 -13.43 13.38 -7.82
N VAL A 39 -12.58 14.07 -8.58
CA VAL A 39 -12.92 15.37 -9.16
C VAL A 39 -12.71 15.38 -10.67
N ARG A 40 -13.66 15.97 -11.39
CA ARG A 40 -13.49 16.33 -12.78
C ARG A 40 -12.58 17.56 -12.86
N HIS A 41 -11.49 17.48 -13.62
CA HIS A 41 -10.72 18.67 -14.04
C HIS A 41 -11.35 19.16 -15.33
N VAL A 42 -12.09 20.27 -15.28
CA VAL A 42 -12.89 20.70 -16.44
C VAL A 42 -12.08 21.00 -17.68
N HIS A 43 -10.93 21.66 -17.55
CA HIS A 43 -10.11 22.03 -18.72
C HIS A 43 -9.46 20.83 -19.40
N TRP A 44 -9.05 19.85 -18.60
CA TRP A 44 -8.37 18.66 -19.10
C TRP A 44 -9.33 17.55 -19.52
N LYS A 45 -10.62 17.72 -19.24
CA LYS A 45 -11.67 16.79 -19.65
C LYS A 45 -11.38 15.35 -19.18
N THR A 46 -10.86 15.27 -17.97
CA THR A 46 -10.50 14.00 -17.36
C THR A 46 -10.68 14.07 -15.84
N TRP A 47 -10.82 12.91 -15.22
CA TRP A 47 -11.01 12.80 -13.78
C TRP A 47 -9.66 12.64 -13.08
N LEU A 48 -9.60 13.17 -11.86
CA LEU A 48 -8.43 13.03 -11.00
C LEU A 48 -8.90 12.72 -9.59
N ALA A 49 -7.97 12.43 -8.70
CA ALA A 49 -8.29 12.18 -7.29
C ALA A 49 -7.57 13.21 -6.46
N ILE A 50 -8.23 13.65 -5.40
CA ILE A 50 -7.62 14.63 -4.49
C ILE A 50 -7.86 14.20 -3.04
N LYS A 51 -6.76 14.12 -2.27
CA LYS A 51 -6.77 13.70 -0.86
C LYS A 51 -6.67 14.95 0.01
N CYS A 52 -7.79 15.37 0.57
CA CYS A 52 -7.85 16.58 1.40
C CYS A 52 -7.49 16.33 2.85
N SER A 53 -6.76 17.28 3.44
CA SER A 53 -6.35 17.22 4.85
C SER A 53 -7.56 17.25 5.82
N PRO A 54 -7.52 16.43 6.88
CA PRO A 54 -8.65 16.37 7.83
C PRO A 54 -8.76 17.58 8.75
N SER A 55 -7.61 18.14 9.18
CA SER A 55 -7.55 19.20 10.19
C SER A 55 -8.41 20.43 9.88
N LEU A 56 -8.94 21.07 10.94
CA LEU A 56 -9.81 22.24 10.81
C LEU A 56 -9.02 23.48 10.38
N HIS A 57 -7.77 23.60 10.85
CA HIS A 57 -6.87 24.70 10.47
C HIS A 57 -5.89 24.26 9.38
N VAL A 58 -5.66 25.14 8.39
CA VAL A 58 -4.74 24.88 7.26
C VAL A 58 -3.27 25.00 7.70
N ASP A 59 -2.84 24.04 8.52
CA ASP A 59 -1.58 24.11 9.27
C ASP A 59 -0.34 24.04 8.37
N ASP A 60 0.76 24.66 8.82
CA ASP A 60 2.03 24.66 8.08
C ASP A 60 2.90 23.40 8.24
N ARG A 61 2.64 22.59 9.26
CA ARG A 61 3.26 21.27 9.37
C ARG A 61 2.75 20.42 8.21
N GLU A 62 1.42 20.31 8.10
CA GLU A 62 0.74 19.54 7.04
C GLU A 62 1.13 19.99 5.62
N ARG A 63 0.94 21.26 5.30
CA ARG A 63 1.22 21.76 3.95
C ARG A 63 2.61 21.33 3.42
N MET A 64 3.60 21.28 4.32
CA MET A 64 4.96 20.81 3.96
C MET A 64 5.04 19.28 3.87
N GLU A 65 4.31 18.58 4.74
CA GLU A 65 4.25 17.09 4.70
C GLU A 65 3.49 16.53 3.50
N LEU A 66 2.45 17.22 3.06
CA LEU A 66 1.71 16.84 1.86
C LEU A 66 2.61 17.02 0.63
N LEU A 67 3.38 18.10 0.64
CA LEU A 67 4.42 18.34 -0.35
C LEU A 67 5.47 17.24 -0.35
N GLU A 68 5.89 16.80 0.85
CA GLU A 68 6.88 15.71 0.97
C GLU A 68 6.33 14.45 0.34
N GLU A 69 5.08 14.13 0.70
CA GLU A 69 4.37 12.98 0.16
C GLU A 69 4.36 13.03 -1.37
N ALA A 70 3.88 14.14 -1.92
CA ALA A 70 3.93 14.41 -3.36
C ALA A 70 5.34 14.25 -3.95
N LYS A 71 6.32 14.87 -3.30
CA LYS A 71 7.72 14.81 -3.81
C LYS A 71 8.24 13.38 -3.86
N LYS A 72 7.90 12.57 -2.87
CA LYS A 72 8.35 11.16 -2.82
C LYS A 72 7.66 10.29 -3.90
N MET A 73 6.38 10.56 -4.15
CA MET A 73 5.63 9.92 -5.25
C MET A 73 6.24 10.23 -6.63
N GLU A 74 6.67 11.47 -6.83
CA GLU A 74 7.34 11.85 -8.08
C GLU A 74 8.71 11.17 -8.22
N MET A 75 9.48 11.08 -7.13
CA MET A 75 10.78 10.37 -7.19
C MET A 75 10.66 8.89 -7.58
N ALA A 76 9.51 8.27 -7.32
CA ALA A 76 9.26 6.86 -7.65
C ALA A 76 8.27 6.67 -8.79
N LYS A 77 8.17 7.64 -9.70
CA LYS A 77 7.39 7.51 -10.95
C LYS A 77 7.69 6.13 -11.58
N PHE A 78 6.67 5.29 -11.68
CA PHE A 78 6.83 3.93 -12.18
C PHE A 78 5.45 3.39 -12.50
N ARG A 79 5.42 2.39 -13.36
CA ARG A 79 4.23 1.65 -13.76
C ARG A 79 3.35 1.19 -12.59
N TYR A 80 3.97 0.74 -11.50
CA TYR A 80 3.22 0.15 -10.38
C TYR A 80 3.13 1.06 -9.15
N ILE A 81 3.35 2.36 -9.35
CA ILE A 81 3.30 3.43 -8.35
C ILE A 81 2.35 4.53 -8.85
N LEU A 82 1.44 4.98 -8.00
CA LEU A 82 0.41 5.94 -8.43
C LEU A 82 1.07 7.24 -8.88
N PRO A 83 0.74 7.72 -10.09
CA PRO A 83 1.22 9.05 -10.48
C PRO A 83 0.57 10.16 -9.66
N VAL A 84 1.32 11.25 -9.55
CA VAL A 84 0.94 12.41 -8.75
C VAL A 84 1.06 13.65 -9.63
N TYR A 85 0.06 14.52 -9.61
CA TYR A 85 0.09 15.71 -10.46
C TYR A 85 0.52 17.01 -9.74
N GLY A 86 0.12 17.14 -8.48
CA GLY A 86 0.59 18.24 -7.65
C GLY A 86 -0.30 18.48 -6.45
N ILE A 87 -0.50 19.76 -6.13
CA ILE A 87 -1.07 20.16 -4.86
C ILE A 87 -2.14 21.19 -5.07
N CYS A 88 -3.20 21.09 -4.28
CA CYS A 88 -4.20 22.13 -4.18
C CYS A 88 -3.98 22.93 -2.88
N GLN A 89 -4.20 24.25 -2.93
CA GLN A 89 -4.06 25.12 -1.73
C GLN A 89 -5.41 25.53 -1.15
N GLU A 90 -6.41 25.75 -2.01
CA GLU A 90 -7.67 26.40 -1.64
C GLU A 90 -8.36 25.57 -0.56
N PRO A 91 -8.66 24.28 -0.87
CA PRO A 91 -8.57 23.21 0.15
C PRO A 91 -7.21 22.54 0.04
N VAL A 92 -6.54 22.34 1.17
CA VAL A 92 -5.22 21.73 1.16
C VAL A 92 -5.40 20.25 0.80
N GLY A 93 -4.80 19.86 -0.32
CA GLY A 93 -4.99 18.52 -0.86
C GLY A 93 -3.92 18.08 -1.84
N LEU A 94 -3.67 16.78 -1.87
CA LEU A 94 -2.74 16.19 -2.82
C LEU A 94 -3.52 15.73 -4.04
N VAL A 95 -3.11 16.14 -5.24
CA VAL A 95 -3.78 15.83 -6.53
C VAL A 95 -3.07 14.70 -7.28
N MET A 96 -3.82 13.66 -7.68
CA MET A 96 -3.24 12.43 -8.23
C MET A 96 -4.12 11.68 -9.24
N GLU A 97 -3.56 10.68 -9.94
CA GLU A 97 -4.35 9.87 -10.89
C GLU A 97 -5.49 9.19 -10.12
N TYR A 98 -6.66 9.15 -10.77
CA TYR A 98 -7.84 8.50 -10.24
C TYR A 98 -7.82 7.07 -10.68
N MET A 99 -8.01 6.18 -9.72
CA MET A 99 -8.05 4.76 -9.97
C MET A 99 -9.51 4.31 -9.83
N GLU A 100 -10.10 3.92 -10.97
CA GLU A 100 -11.53 3.60 -11.08
C GLU A 100 -12.00 2.47 -10.15
N THR A 101 -11.19 1.43 -9.97
CA THR A 101 -11.60 0.30 -9.16
C THR A 101 -11.41 0.56 -7.65
N GLY A 102 -10.52 1.46 -7.29
CA GLY A 102 -10.29 1.80 -5.91
C GLY A 102 -9.32 0.89 -5.20
N SER A 103 -9.49 0.76 -3.90
CA SER A 103 -8.52 0.07 -3.07
C SER A 103 -8.68 -1.45 -3.15
N LEU A 104 -7.58 -2.15 -2.88
CA LEU A 104 -7.62 -3.58 -2.69
C LEU A 104 -8.52 -3.99 -1.50
N GLU A 105 -8.50 -3.21 -0.42
CA GLU A 105 -9.30 -3.52 0.76
C GLU A 105 -10.77 -3.66 0.37
N LYS A 106 -11.23 -2.66 -0.38
CA LYS A 106 -12.58 -2.62 -0.90
C LYS A 106 -12.86 -3.82 -1.83
N LEU A 107 -11.91 -4.14 -2.71
CA LEU A 107 -12.07 -5.29 -3.61
C LEU A 107 -12.15 -6.64 -2.90
N LEU A 108 -11.36 -6.83 -1.85
CA LEU A 108 -11.35 -8.11 -1.12
C LEU A 108 -12.67 -8.36 -0.39
N ALA A 109 -13.37 -7.28 -0.02
CA ALA A 109 -14.67 -7.38 0.66
C ALA A 109 -15.84 -7.52 -0.30
N SER A 110 -15.64 -7.23 -1.59
CA SER A 110 -16.72 -7.11 -2.54
C SER A 110 -17.26 -8.46 -3.00
N GLU A 111 -16.39 -9.34 -3.47
CA GLU A 111 -16.79 -10.66 -3.98
C GLU A 111 -15.57 -11.56 -4.11
N PRO A 112 -15.79 -12.88 -4.25
CA PRO A 112 -14.64 -13.80 -4.47
C PRO A 112 -13.92 -13.48 -5.77
N LEU A 113 -12.60 -13.43 -5.74
CA LEU A 113 -11.79 -13.05 -6.90
C LEU A 113 -11.19 -14.29 -7.55
N PRO A 114 -11.12 -14.33 -8.87
CA PRO A 114 -10.40 -15.45 -9.49
C PRO A 114 -8.94 -15.52 -9.02
N TRP A 115 -8.46 -16.74 -8.77
CA TRP A 115 -7.05 -16.99 -8.38
C TRP A 115 -5.95 -16.36 -9.27
N ASP A 116 -6.15 -16.38 -10.58
CA ASP A 116 -5.13 -15.81 -11.47
C ASP A 116 -5.03 -14.30 -11.28
N LEU A 117 -6.15 -13.64 -10.98
CA LEU A 117 -6.13 -12.21 -10.65
C LEU A 117 -5.42 -11.96 -9.29
N ARG A 118 -5.69 -12.82 -8.31
CA ARG A 118 -5.02 -12.74 -7.01
C ARG A 118 -3.50 -12.81 -7.14
N PHE A 119 -3.01 -13.77 -7.93
CA PHE A 119 -1.58 -13.91 -8.10
C PHE A 119 -1.01 -12.68 -8.82
N ARG A 120 -1.75 -12.14 -9.80
CA ARG A 120 -1.28 -10.95 -10.51
C ARG A 120 -1.22 -9.73 -9.59
N ILE A 121 -2.21 -9.56 -8.72
CA ILE A 121 -2.20 -8.42 -7.79
C ILE A 121 -0.99 -8.46 -6.88
N VAL A 122 -0.71 -9.65 -6.36
CA VAL A 122 0.42 -9.91 -5.49
C VAL A 122 1.72 -9.61 -6.22
N HIS A 123 1.85 -10.11 -7.44
CA HIS A 123 3.07 -9.93 -8.21
C HIS A 123 3.34 -8.47 -8.47
N GLU A 124 2.31 -7.80 -8.99
CA GLU A 124 2.39 -6.39 -9.36
C GLU A 124 2.73 -5.52 -8.13
N THR A 125 2.13 -5.84 -6.99
CA THR A 125 2.48 -5.18 -5.74
C THR A 125 3.98 -5.41 -5.43
N ALA A 126 4.43 -6.65 -5.54
CA ALA A 126 5.83 -7.00 -5.28
C ALA A 126 6.77 -6.25 -6.20
N VAL A 127 6.37 -6.15 -7.48
CA VAL A 127 7.20 -5.43 -8.47
C VAL A 127 7.39 -3.96 -8.08
N GLY A 128 6.33 -3.31 -7.62
CA GLY A 128 6.37 -1.90 -7.23
C GLY A 128 7.20 -1.66 -5.98
N MET A 129 7.04 -2.53 -4.99
CA MET A 129 7.87 -2.50 -3.79
C MET A 129 9.36 -2.74 -4.10
N ASN A 130 9.64 -3.68 -5.00
CA ASN A 130 10.99 -3.88 -5.48
C ASN A 130 11.52 -2.59 -6.10
N PHE A 131 10.69 -1.87 -6.84
CA PHE A 131 11.16 -0.65 -7.47
C PHE A 131 11.57 0.38 -6.40
N LEU A 132 10.77 0.50 -5.34
CA LEU A 132 11.11 1.43 -4.25
C LEU A 132 12.42 1.07 -3.57
N HIS A 133 12.63 -0.22 -3.29
CA HIS A 133 13.83 -0.71 -2.60
C HIS A 133 15.09 -0.69 -3.46
N CYS A 134 14.92 -0.58 -4.78
CA CYS A 134 16.04 -0.45 -5.73
C CYS A 134 16.50 0.98 -5.96
N MET A 135 15.79 1.98 -5.43
CA MET A 135 16.20 3.38 -5.60
C MET A 135 17.49 3.57 -4.79
N SER A 136 18.26 4.62 -5.11
CA SER A 136 19.44 4.98 -4.31
C SER A 136 19.19 6.37 -3.70
N PRO A 137 19.15 6.50 -2.37
CA PRO A 137 19.02 5.37 -1.43
C PRO A 137 17.63 4.71 -1.53
N PRO A 138 17.48 3.50 -0.98
CA PRO A 138 16.17 2.84 -0.99
C PRO A 138 15.09 3.70 -0.37
N LEU A 139 13.87 3.55 -0.86
CA LEU A 139 12.70 4.23 -0.31
C LEU A 139 11.82 3.20 0.41
N LEU A 140 11.61 3.38 1.70
CA LEU A 140 10.82 2.45 2.49
C LEU A 140 9.42 3.01 2.49
N HIS A 141 8.45 2.17 2.21
CA HIS A 141 7.08 2.61 2.15
C HIS A 141 6.51 2.81 3.54
N LEU A 142 6.60 1.76 4.36
CA LEU A 142 6.19 1.77 5.78
C LEU A 142 4.68 1.91 6.09
N ASN A 143 3.83 1.89 5.07
CA ASN A 143 2.40 1.90 5.25
C ASN A 143 1.71 0.98 4.22
N LEU A 144 2.35 -0.14 3.89
CA LEU A 144 1.80 -1.04 2.87
C LEU A 144 0.69 -1.89 3.51
N LYS A 145 -0.53 -1.63 3.09
CA LYS A 145 -1.70 -2.40 3.47
C LYS A 145 -2.71 -2.36 2.30
N PRO A 146 -3.69 -3.27 2.28
CA PRO A 146 -4.60 -3.28 1.15
C PRO A 146 -5.32 -1.95 0.89
N ALA A 147 -5.57 -1.15 1.93
CA ALA A 147 -6.19 0.19 1.72
C ALA A 147 -5.35 1.18 0.88
N ASN A 148 -4.05 0.95 0.78
CA ASN A 148 -3.12 1.80 0.03
C ASN A 148 -2.60 1.16 -1.26
N ILE A 149 -3.25 0.07 -1.69
CA ILE A 149 -2.93 -0.61 -2.93
C ILE A 149 -4.13 -0.33 -3.82
N LEU A 150 -3.91 0.49 -4.85
CA LEU A 150 -5.01 0.93 -5.70
C LEU A 150 -5.04 0.16 -7.01
N LEU A 151 -6.23 0.09 -7.58
CA LEU A 151 -6.52 -0.76 -8.69
C LEU A 151 -7.20 0.06 -9.75
N ASP A 152 -6.72 -0.07 -10.97
CA ASP A 152 -7.22 0.72 -12.08
C ASP A 152 -8.44 0.02 -12.66
N ALA A 153 -9.02 0.63 -13.68
CA ALA A 153 -10.18 0.04 -14.40
C ALA A 153 -10.01 -1.40 -14.83
N HIS A 154 -8.77 -1.82 -15.10
CA HIS A 154 -8.48 -3.17 -15.55
C HIS A 154 -7.79 -4.03 -14.48
N TYR A 155 -7.95 -3.63 -13.20
CA TYR A 155 -7.44 -4.37 -12.04
C TYR A 155 -5.90 -4.50 -11.97
N HIS A 156 -5.18 -3.51 -12.51
CA HIS A 156 -3.74 -3.45 -12.37
C HIS A 156 -3.38 -2.54 -11.19
N VAL A 157 -2.28 -2.89 -10.54
CA VAL A 157 -1.93 -2.34 -9.25
C VAL A 157 -1.17 -1.06 -9.43
N LYS A 158 -1.47 -0.08 -8.57
CA LYS A 158 -0.61 1.06 -8.36
C LYS A 158 -0.57 1.36 -6.87
N ILE A 159 0.62 1.28 -6.28
CA ILE A 159 0.82 1.56 -4.85
C ILE A 159 0.69 3.05 -4.57
N SER A 160 0.08 3.39 -3.44
CA SER A 160 -0.13 4.78 -3.07
C SER A 160 0.18 4.99 -1.59
N ASP A 161 -0.15 6.19 -1.09
CA ASP A 161 -0.04 6.58 0.32
C ASP A 161 1.38 6.56 0.81
N PHE A 162 2.10 7.64 0.50
CA PHE A 162 3.50 7.82 0.86
C PHE A 162 3.70 8.76 2.10
N GLY A 163 2.62 9.02 2.84
CA GLY A 163 2.69 9.82 4.06
C GLY A 163 3.76 9.40 5.06
N LEU A 164 4.00 8.09 5.19
CA LEU A 164 4.97 7.55 6.15
C LEU A 164 6.30 7.13 5.56
N ALA A 165 6.55 7.38 4.29
CA ALA A 165 7.74 6.86 3.62
C ALA A 165 8.98 7.66 4.03
N LYS A 166 10.16 7.03 3.92
CA LYS A 166 11.40 7.62 4.41
C LYS A 166 12.50 7.30 3.41
N CYS A 167 13.28 8.33 3.03
CA CYS A 167 14.46 8.18 2.16
C CYS A 167 15.74 8.21 3.01
N ASN A 168 15.85 7.21 3.88
CA ASN A 168 16.97 7.05 4.82
C ASN A 168 17.53 5.64 4.70
N PHE A 182 -8.00 0.23 15.07
CA PHE A 182 -6.81 0.55 14.28
C PHE A 182 -6.48 -0.63 13.38
N GLY A 183 -6.33 -0.34 12.08
CA GLY A 183 -5.90 -1.35 11.10
C GLY A 183 -4.42 -1.71 11.24
N THR A 184 -3.58 -0.68 11.37
CA THR A 184 -2.11 -0.81 11.29
C THR A 184 -1.36 -1.83 12.20
N ILE A 185 -1.82 -2.16 13.42
CA ILE A 185 -1.05 -3.12 14.27
C ILE A 185 -0.76 -4.44 13.52
N ALA A 186 -1.72 -4.88 12.69
CA ALA A 186 -1.58 -6.11 11.89
C ALA A 186 -0.37 -6.11 10.97
N TYR A 187 -0.07 -4.97 10.38
CA TYR A 187 0.98 -4.82 9.37
C TYR A 187 2.32 -4.44 9.99
N LEU A 188 2.31 -4.30 11.32
CA LEU A 188 3.47 -3.85 12.06
C LEU A 188 4.39 -5.03 12.37
N PRO A 189 5.67 -4.94 12.02
CA PRO A 189 6.59 -6.06 12.26
C PRO A 189 6.89 -6.26 13.74
N PRO A 190 7.11 -7.51 14.19
CA PRO A 190 7.32 -7.74 15.63
C PRO A 190 8.51 -6.98 16.25
N GLU A 191 9.55 -6.73 15.48
CA GLU A 191 10.73 -5.99 15.96
C GLU A 191 10.37 -4.55 16.34
N ARG A 192 9.34 -4.02 15.72
CA ARG A 192 8.81 -2.68 15.98
C ARG A 192 8.05 -2.64 17.32
N ILE A 193 7.59 -3.80 17.78
CA ILE A 193 6.98 -3.95 19.12
C ILE A 193 8.01 -4.33 20.20
N ARG A 194 9.03 -5.12 19.82
CA ARG A 194 10.10 -5.54 20.74
C ARG A 194 10.99 -4.39 21.17
N GLU A 195 11.36 -3.53 20.22
CA GLU A 195 12.31 -2.46 20.46
C GLU A 195 11.62 -1.13 20.37
N LYS A 196 11.79 -0.28 21.39
CA LYS A 196 11.41 1.14 21.29
C LYS A 196 12.35 1.78 20.27
N SER A 197 11.79 2.50 19.30
CA SER A 197 12.60 3.26 18.31
C SER A 197 13.75 2.49 17.67
N ARG A 198 13.42 1.52 16.81
CA ARG A 198 14.41 0.75 15.99
C ARG A 198 14.57 1.47 14.66
N LEU A 199 15.70 1.27 13.98
CA LEU A 199 15.88 1.85 12.64
C LEU A 199 14.96 1.14 11.66
N PHE A 200 14.08 1.90 11.01
CA PHE A 200 13.33 1.44 9.85
C PHE A 200 14.23 0.81 8.76
N ASP A 201 13.77 -0.27 8.16
CA ASP A 201 14.51 -0.97 7.12
C ASP A 201 13.58 -1.58 6.07
N THR A 202 14.17 -2.12 5.00
CA THR A 202 13.41 -2.80 3.95
C THR A 202 12.62 -3.99 4.49
N LYS A 203 13.12 -4.64 5.54
CA LYS A 203 12.44 -5.82 6.07
C LYS A 203 11.09 -5.53 6.74
N HIS A 204 10.85 -4.27 7.12
CA HIS A 204 9.54 -3.81 7.57
C HIS A 204 8.50 -4.03 6.46
N ASP A 205 8.75 -3.40 5.31
CA ASP A 205 7.90 -3.56 4.13
C ASP A 205 7.63 -5.03 3.76
N VAL A 206 8.65 -5.88 3.89
CA VAL A 206 8.50 -7.31 3.59
C VAL A 206 7.46 -7.99 4.51
N TYR A 207 7.52 -7.69 5.80
CA TYR A 207 6.55 -8.21 6.77
C TYR A 207 5.14 -7.76 6.40
N SER A 208 4.98 -6.49 6.08
CA SER A 208 3.66 -5.94 5.79
C SER A 208 3.08 -6.63 4.57
N PHE A 209 3.93 -6.83 3.57
CA PHE A 209 3.60 -7.57 2.36
C PHE A 209 3.13 -8.98 2.67
N ALA A 210 3.71 -9.60 3.70
CA ALA A 210 3.24 -10.92 4.13
C ALA A 210 1.78 -10.87 4.54
N ILE A 211 1.44 -9.84 5.29
CA ILE A 211 0.07 -9.65 5.76
C ILE A 211 -0.89 -9.25 4.60
N VAL A 212 -0.36 -8.59 3.57
CA VAL A 212 -1.11 -8.32 2.34
C VAL A 212 -1.41 -9.63 1.59
N ILE A 213 -0.41 -10.49 1.46
CA ILE A 213 -0.62 -11.80 0.85
C ILE A 213 -1.73 -12.55 1.60
N TRP A 214 -1.67 -12.52 2.92
CA TRP A 214 -2.63 -13.26 3.72
C TRP A 214 -4.06 -12.83 3.36
N GLY A 215 -4.25 -11.52 3.23
CA GLY A 215 -5.56 -10.96 2.88
C GLY A 215 -6.04 -11.33 1.48
N VAL A 216 -5.12 -11.35 0.53
CA VAL A 216 -5.43 -11.80 -0.81
C VAL A 216 -5.79 -13.29 -0.80
N LEU A 217 -5.10 -14.10 0.02
CA LEU A 217 -5.40 -15.53 0.09
C LEU A 217 -6.78 -15.84 0.67
N THR A 218 -7.18 -15.05 1.66
CA THR A 218 -8.38 -15.31 2.45
C THR A 218 -9.54 -14.38 2.14
N GLN A 219 -9.26 -13.21 1.54
CA GLN A 219 -10.23 -12.10 1.43
C GLN A 219 -10.82 -11.58 2.77
N LYS A 220 -10.11 -11.83 3.87
CA LYS A 220 -10.48 -11.36 5.19
C LYS A 220 -9.50 -10.31 5.66
N LYS A 221 -9.94 -9.48 6.59
CA LYS A 221 -9.02 -8.59 7.30
C LYS A 221 -8.38 -9.39 8.44
N PRO A 222 -7.07 -9.20 8.68
CA PRO A 222 -6.36 -10.01 9.68
C PRO A 222 -6.72 -9.56 11.10
N PHE A 223 -6.84 -10.53 12.01
CA PHE A 223 -7.25 -10.26 13.40
C PHE A 223 -8.63 -9.58 13.58
N ALA A 224 -9.47 -9.59 12.54
CA ALA A 224 -10.81 -9.00 12.65
C ALA A 224 -11.72 -9.73 13.65
N ASP A 225 -11.45 -11.01 13.91
CA ASP A 225 -12.12 -11.74 14.99
C ASP A 225 -11.63 -11.27 16.37
N GLU A 226 -10.34 -11.49 16.65
CA GLU A 226 -9.73 -11.36 17.99
C GLU A 226 -9.95 -9.96 18.60
N LYS A 227 -10.38 -9.92 19.87
CA LYS A 227 -10.81 -8.69 20.57
C LYS A 227 -9.67 -7.94 21.34
N ASN A 228 -8.91 -8.68 22.14
CA ASN A 228 -7.71 -8.18 22.84
C ASN A 228 -6.59 -7.93 21.80
N ILE A 229 -6.48 -6.69 21.32
CA ILE A 229 -5.41 -6.26 20.36
C ILE A 229 -4.03 -6.40 20.95
N LEU A 230 -3.89 -5.96 22.20
CA LEU A 230 -2.65 -6.00 22.97
C LEU A 230 -2.14 -7.44 23.17
N HIS A 231 -3.03 -8.36 23.55
CA HIS A 231 -2.66 -9.77 23.74
C HIS A 231 -2.09 -10.36 22.47
N ILE A 232 -2.72 -10.03 21.34
CA ILE A 232 -2.26 -10.51 20.05
C ILE A 232 -0.89 -9.91 19.70
N MET A 233 -0.70 -8.62 19.98
CA MET A 233 0.61 -7.97 19.84
C MET A 233 1.72 -8.80 20.46
N MET A 234 1.62 -9.04 21.77
CA MET A 234 2.61 -9.84 22.55
C MET A 234 2.85 -11.25 22.00
N LYS A 235 1.76 -11.94 21.66
CA LYS A 235 1.83 -13.25 21.01
C LYS A 235 2.65 -13.17 19.70
N VAL A 236 2.40 -12.14 18.88
CA VAL A 236 3.15 -11.83 17.65
C VAL A 236 4.67 -11.64 17.86
N VAL A 237 5.03 -10.92 18.92
CA VAL A 237 6.44 -10.79 19.36
C VAL A 237 7.10 -12.17 19.55
N LYS A 238 6.32 -13.15 20.02
CA LYS A 238 6.73 -14.56 20.16
C LYS A 238 6.39 -15.51 18.96
N GLY A 239 6.18 -14.95 17.76
CA GLY A 239 5.99 -15.76 16.54
C GLY A 239 4.58 -16.17 16.12
N HIS A 240 3.54 -15.63 16.77
CA HIS A 240 2.16 -15.89 16.36
C HIS A 240 1.74 -15.00 15.19
N ARG A 241 1.07 -15.61 14.21
CA ARG A 241 0.63 -14.93 12.98
C ARG A 241 -0.84 -15.27 12.68
N PRO A 242 -1.46 -14.55 11.72
CA PRO A 242 -2.77 -14.98 11.23
C PRO A 242 -2.81 -16.45 10.84
N GLU A 243 -3.99 -17.06 11.00
CA GLU A 243 -4.15 -18.49 10.75
C GLU A 243 -3.92 -18.80 9.28
N LEU A 244 -3.10 -19.80 9.00
CA LEU A 244 -2.84 -20.23 7.62
C LEU A 244 -4.11 -20.68 6.92
N PRO A 245 -4.34 -20.20 5.69
CA PRO A 245 -5.49 -20.72 4.96
C PRO A 245 -5.27 -22.14 4.49
N PRO A 246 -6.35 -22.84 4.17
CA PRO A 246 -6.20 -24.15 3.53
C PRO A 246 -5.75 -24.00 2.07
N ILE A 247 -5.31 -25.10 1.49
CA ILE A 247 -4.91 -25.09 0.09
C ILE A 247 -6.20 -25.07 -0.70
N CYS A 248 -6.28 -24.15 -1.65
CA CYS A 248 -7.47 -23.97 -2.48
C CYS A 248 -7.57 -25.03 -3.56
N ARG A 249 -8.79 -25.31 -4.03
CA ARG A 249 -9.03 -26.34 -5.05
C ARG A 249 -8.60 -25.96 -6.45
N PRO A 250 -8.87 -24.70 -6.88
CA PRO A 250 -8.56 -24.33 -8.28
C PRO A 250 -7.08 -24.23 -8.65
N ARG A 251 -6.23 -23.75 -7.75
CA ARG A 251 -4.80 -23.57 -8.02
C ARG A 251 -3.96 -24.03 -6.80
N PRO A 252 -4.03 -25.32 -6.46
CA PRO A 252 -3.39 -25.81 -5.23
C PRO A 252 -1.86 -25.72 -5.23
N ARG A 253 -1.21 -25.88 -6.38
CA ARG A 253 0.27 -25.78 -6.45
C ARG A 253 0.71 -24.34 -6.18
N ALA A 254 0.11 -23.42 -6.92
CA ALA A 254 0.45 -22.00 -6.80
C ALA A 254 0.14 -21.47 -5.41
N CYS A 255 -1.06 -21.79 -4.91
CA CYS A 255 -1.52 -21.42 -3.57
C CYS A 255 -0.55 -21.89 -2.46
N ALA A 256 -0.20 -23.17 -2.48
CA ALA A 256 0.81 -23.68 -1.53
C ALA A 256 2.13 -22.90 -1.61
N SER A 257 2.59 -22.62 -2.83
CA SER A 257 3.81 -21.83 -3.01
C SER A 257 3.65 -20.45 -2.42
N LEU A 258 2.51 -19.80 -2.64
CA LEU A 258 2.28 -18.47 -2.08
C LEU A 258 2.22 -18.44 -0.56
N ILE A 259 1.55 -19.42 0.04
CA ILE A 259 1.50 -19.57 1.50
C ILE A 259 2.91 -19.72 2.12
N GLY A 260 3.71 -20.61 1.54
CA GLY A 260 5.11 -20.75 1.88
C GLY A 260 5.92 -19.47 1.81
N LEU A 261 5.81 -18.74 0.70
CA LEU A 261 6.47 -17.42 0.57
C LEU A 261 6.02 -16.42 1.64
N MET A 262 4.71 -16.34 1.84
CA MET A 262 4.10 -15.53 2.90
C MET A 262 4.74 -15.78 4.28
N GLN A 263 4.92 -17.06 4.61
CA GLN A 263 5.51 -17.45 5.88
C GLN A 263 6.98 -16.99 6.05
N ARG A 264 7.77 -17.09 4.99
CA ARG A 264 9.16 -16.65 5.06
C ARG A 264 9.15 -15.13 5.21
N CYS A 265 8.19 -14.47 4.55
CA CYS A 265 8.04 -13.01 4.62
C CYS A 265 7.65 -12.45 5.98
N TRP A 266 6.92 -13.21 6.79
CA TRP A 266 6.57 -12.80 8.14
C TRP A 266 7.39 -13.44 9.26
N HIS A 267 8.56 -13.98 8.92
CA HIS A 267 9.45 -14.61 9.91
C HIS A 267 9.77 -13.59 10.98
N ALA A 268 9.99 -14.08 12.20
CA ALA A 268 10.20 -13.22 13.36
C ALA A 268 11.55 -12.48 13.30
N ASP A 269 12.56 -13.20 12.81
CA ASP A 269 13.88 -12.67 12.48
C ASP A 269 13.91 -11.95 11.13
N PRO A 270 14.02 -10.60 11.15
CA PRO A 270 14.03 -9.80 9.91
C PRO A 270 15.03 -10.25 8.86
N GLN A 271 16.21 -10.67 9.30
CA GLN A 271 17.31 -10.99 8.40
C GLN A 271 17.08 -12.30 7.61
N VAL A 272 16.13 -13.13 8.07
CA VAL A 272 15.75 -14.37 7.38
C VAL A 272 14.69 -14.12 6.29
N ARG A 273 13.98 -13.00 6.37
CA ARG A 273 12.94 -12.68 5.40
C ARG A 273 13.55 -12.37 4.03
N PRO A 274 12.89 -12.82 2.95
CA PRO A 274 13.49 -12.57 1.65
C PRO A 274 13.47 -11.11 1.30
N THR A 275 14.31 -10.76 0.33
CA THR A 275 14.31 -9.44 -0.26
C THR A 275 13.19 -9.40 -1.31
N PHE A 276 12.77 -8.20 -1.69
CA PHE A 276 11.84 -8.06 -2.81
C PHE A 276 12.42 -8.54 -4.15
N GLN A 277 13.74 -8.52 -4.29
CA GLN A 277 14.40 -9.13 -5.45
C GLN A 277 14.07 -10.63 -5.48
N GLU A 278 14.23 -11.32 -4.35
CA GLU A 278 13.92 -12.77 -4.30
C GLU A 278 12.42 -13.00 -4.42
N ILE A 279 11.62 -12.17 -3.76
CA ILE A 279 10.15 -12.28 -3.82
C ILE A 279 9.57 -12.18 -5.25
N THR A 280 10.01 -11.18 -6.01
CA THR A 280 9.42 -10.90 -7.32
C THR A 280 9.74 -12.02 -8.28
N SER A 281 10.91 -12.60 -8.11
CA SER A 281 11.28 -13.79 -8.87
C SER A 281 10.30 -14.94 -8.65
N GLU A 282 9.86 -15.12 -7.42
CA GLU A 282 8.90 -16.16 -7.09
C GLU A 282 7.48 -15.88 -7.50
N THR A 283 7.02 -14.65 -7.31
CA THR A 283 5.65 -14.28 -7.66
C THR A 283 5.44 -14.25 -9.18
N GLU A 284 6.50 -13.96 -9.93
CA GLU A 284 6.40 -14.03 -11.37
C GLU A 284 6.06 -15.45 -11.87
N ASP A 285 6.66 -16.47 -11.26
CA ASP A 285 6.37 -17.88 -11.61
C ASP A 285 4.93 -18.27 -11.29
N LEU A 286 4.34 -17.67 -10.26
CA LEU A 286 2.94 -17.90 -9.92
C LEU A 286 1.95 -17.42 -10.96
N CYS A 287 2.32 -16.44 -11.78
CA CYS A 287 1.44 -15.88 -12.81
C CYS A 287 1.54 -16.63 -14.14
N GLU A 288 1.40 -17.95 -14.13
CA GLU A 288 1.36 -18.76 -15.37
C GLU A 288 0.43 -19.98 -15.24
#